data_8QM4
#
_entry.id   8QM4
#
_cell.length_a   47.152
_cell.length_b   69.427
_cell.length_c   63.818
_cell.angle_alpha   90.00
_cell.angle_beta   95.92
_cell.angle_gamma   90.00
#
_symmetry.space_group_name_H-M   'P 1 21 1'
#
loop_
_entity.id
_entity.type
_entity.pdbx_description
1 polymer 'Eukaryotic translation initiation factor 4E'
2 non-polymer 'DIMETHYL SULFOXIDE'
3 non-polymer 'TRIETHYLENE GLYCOL'
4 non-polymer 3-phenylphenol
5 water water
#
_entity_poly.entity_id   1
_entity_poly.type   'polypeptide(L)'
_entity_poly.pdbx_seq_one_letter_code
;MHHHHHHGARIIYDRAFLMACRGGGGENLYFQGKHPLQNRWALWFFKNDKSKTWQANLRLISKFDTVEDFWALYNHIQLS
SNLMPGCDYSLFKDGIEPMWEDEKNKRGGRWLITLNKQQRRSDLNRFWLETLLCLIGESFDDYSDDVCGAVVNVRAKGDK
IAIWTTECENREAVTHIGRVYKERLGLPPKIVIGYQSHADTATKSGSTTKNRFVV
;
_entity_poly.pdbx_strand_id   A,B
#
loop_
_chem_comp.id
_chem_comp.type
_chem_comp.name
_chem_comp.formula
DMS non-polymer 'DIMETHYL SULFOXIDE' 'C2 H6 O S'
PGE non-polymer 'TRIETHYLENE GLYCOL' 'C6 H14 O4'
W5B non-polymer 3-phenylphenol 'C12 H10 O'
#
# COMPACT_ATOMS: atom_id res chain seq x y z
N ALA A 9 13.59 23.07 -12.28
CA ALA A 9 14.17 22.21 -13.30
C ALA A 9 13.88 20.74 -12.94
N ARG A 10 13.66 19.89 -13.95
CA ARG A 10 13.42 18.46 -13.72
C ARG A 10 14.67 17.77 -13.19
N ILE A 11 14.50 16.92 -12.15
CA ILE A 11 15.59 16.12 -11.63
C ILE A 11 15.76 14.87 -12.53
N ILE A 12 16.87 14.80 -13.28
CA ILE A 12 17.15 13.76 -14.26
C ILE A 12 18.46 13.13 -13.90
N TYR A 13 18.49 11.81 -13.79
CA TYR A 13 19.71 11.05 -13.58
C TYR A 13 19.94 10.07 -14.69
N ASP A 14 21.13 10.04 -15.23
CA ASP A 14 21.46 9.01 -16.20
C ASP A 14 21.84 7.70 -15.49
N ARG A 15 21.96 6.67 -16.30
CA ARG A 15 22.22 5.33 -15.84
C ARG A 15 23.54 5.26 -15.03
N ALA A 16 24.59 5.91 -15.55
CA ALA A 16 25.93 5.88 -14.89
C ALA A 16 25.85 6.51 -13.49
N PHE A 17 25.19 7.64 -13.34
CA PHE A 17 25.00 8.27 -12.04
C PHE A 17 24.25 7.37 -11.07
N LEU A 18 23.08 6.80 -11.49
CA LEU A 18 22.32 5.94 -10.58
C LEU A 18 23.13 4.74 -10.11
N MET A 19 23.89 4.14 -11.02
CA MET A 19 24.70 2.99 -10.75
C MET A 19 25.87 3.35 -9.81
N ALA A 20 26.35 4.60 -9.80
CA ALA A 20 27.42 5.07 -8.87
C ALA A 20 26.87 5.26 -7.43
N CYS A 21 25.56 5.61 -7.29
CA CYS A 21 24.89 5.77 -5.98
C CYS A 21 24.52 4.47 -5.30
N ARG A 22 24.79 3.36 -5.92
CA ARG A 22 24.37 2.07 -5.42
C ARG A 22 25.42 1.56 -4.38
N GLY A 23 24.94 0.85 -3.37
CA GLY A 23 25.79 0.23 -2.35
C GLY A 23 26.77 1.18 -1.69
N GLY A 24 26.31 2.43 -1.52
CA GLY A 24 27.19 3.56 -1.25
C GLY A 24 27.77 3.57 0.14
N GLY A 25 26.92 3.42 1.16
CA GLY A 25 27.34 3.63 2.54
C GLY A 25 27.65 5.08 2.89
N GLY A 26 27.09 6.01 2.11
CA GLY A 26 27.32 7.42 2.34
C GLY A 26 26.74 7.89 3.65
N GLU A 27 27.40 8.85 4.28
CA GLU A 27 26.89 9.44 5.50
C GLU A 27 25.82 10.45 5.03
N ASN A 28 24.56 10.21 5.40
CA ASN A 28 23.49 11.12 5.03
C ASN A 28 23.56 12.28 6.05
N LEU A 29 24.71 13.02 6.07
CA LEU A 29 24.97 14.18 6.94
C LEU A 29 23.86 15.19 6.76
N TYR A 30 23.31 15.64 7.87
CA TYR A 30 22.31 16.66 7.92
C TYR A 30 20.98 16.22 7.24
N PHE A 31 20.78 14.91 7.00
CA PHE A 31 19.70 14.38 6.13
C PHE A 31 19.67 15.05 4.77
N GLN A 32 20.84 15.50 4.26
CA GLN A 32 20.94 16.22 2.98
C GLN A 32 21.92 15.50 2.01
N GLY A 33 22.30 14.27 2.30
CA GLY A 33 23.31 13.53 1.59
C GLY A 33 22.68 12.57 0.57
N LYS A 34 21.36 12.39 0.59
CA LYS A 34 20.69 11.52 -0.40
C LYS A 34 20.29 12.31 -1.61
N HIS A 35 20.16 11.61 -2.73
CA HIS A 35 19.88 12.25 -3.99
C HIS A 35 18.39 12.17 -4.26
N PRO A 36 17.67 13.30 -4.25
CA PRO A 36 16.21 13.24 -4.37
C PRO A 36 15.77 12.84 -5.77
N LEU A 37 14.65 12.09 -5.82
CA LEU A 37 14.00 11.81 -7.11
C LEU A 37 12.99 12.88 -7.42
N GLN A 38 12.70 13.06 -8.73
CA GLN A 38 11.66 13.95 -9.23
C GLN A 38 10.30 13.59 -8.66
N ASN A 39 10.02 12.26 -8.58
CA ASN A 39 8.77 11.71 -8.10
C ASN A 39 8.99 10.78 -6.94
N ARG A 40 7.97 10.61 -6.09
CA ARG A 40 7.92 9.52 -5.13
C ARG A 40 7.27 8.32 -5.88
N TRP A 41 7.79 7.14 -5.62
CA TRP A 41 7.44 5.88 -6.31
C TRP A 41 6.98 4.85 -5.27
N ALA A 42 6.09 3.96 -5.67
CA ALA A 42 5.58 2.91 -4.83
C ALA A 42 5.82 1.59 -5.53
N LEU A 43 6.39 0.63 -4.82
CA LEU A 43 6.58 -0.74 -5.31
C LEU A 43 5.45 -1.60 -4.83
N TRP A 44 4.81 -2.29 -5.74
CA TRP A 44 3.69 -3.18 -5.52
C TRP A 44 4.03 -4.59 -5.91
N PHE A 45 3.32 -5.53 -5.28
CA PHE A 45 3.53 -6.95 -5.51
C PHE A 45 2.15 -7.59 -5.61
N PHE A 46 1.97 -8.45 -6.56
CA PHE A 46 0.78 -9.21 -6.72
C PHE A 46 1.15 -10.68 -6.61
N LYS A 47 0.59 -11.38 -5.61
CA LYS A 47 0.84 -12.82 -5.38
C LYS A 47 -0.18 -13.66 -6.13
N ASN A 48 0.29 -14.81 -6.64
CA ASN A 48 -0.52 -15.91 -7.15
C ASN A 48 -1.01 -16.77 -5.96
N ASP A 49 -2.16 -16.39 -5.41
CA ASP A 49 -2.84 -17.16 -4.36
C ASP A 49 -4.32 -17.08 -4.71
N LYS A 50 -4.76 -17.97 -5.60
CA LYS A 50 -6.11 -17.91 -6.18
C LYS A 50 -7.23 -18.19 -5.15
N SER A 51 -6.88 -18.77 -3.96
CA SER A 51 -7.78 -18.89 -2.79
C SER A 51 -8.25 -17.53 -2.26
N LYS A 52 -7.44 -16.47 -2.46
CA LYS A 52 -7.83 -15.10 -2.12
C LYS A 52 -8.31 -14.38 -3.36
N THR A 53 -9.13 -13.34 -3.18
CA THR A 53 -9.48 -12.47 -4.31
C THR A 53 -8.22 -11.72 -4.81
N TRP A 54 -8.23 -11.26 -6.08
CA TRP A 54 -7.09 -10.50 -6.61
C TRP A 54 -6.85 -9.21 -5.76
N GLN A 55 -7.92 -8.59 -5.22
CA GLN A 55 -7.80 -7.37 -4.37
C GLN A 55 -6.97 -7.57 -3.06
N ALA A 56 -7.15 -8.69 -2.45
CA ALA A 56 -6.35 -9.13 -1.30
C ALA A 56 -4.94 -9.51 -1.72
N ASN A 57 -4.76 -9.99 -2.96
CA ASN A 57 -3.47 -10.38 -3.50
C ASN A 57 -2.55 -9.21 -4.01
N LEU A 58 -3.04 -7.97 -4.12
CA LEU A 58 -2.25 -6.79 -4.44
C LEU A 58 -1.79 -6.14 -3.19
N ARG A 59 -0.47 -6.01 -3.00
CA ARG A 59 0.12 -5.47 -1.80
CA ARG A 59 0.15 -5.49 -1.77
C ARG A 59 1.09 -4.34 -2.14
N LEU A 60 1.01 -3.23 -1.42
CA LEU A 60 2.03 -2.19 -1.47
C LEU A 60 3.19 -2.61 -0.61
N ILE A 61 4.39 -2.75 -1.18
CA ILE A 61 5.60 -3.13 -0.44
C ILE A 61 6.20 -1.90 0.25
N SER A 62 6.42 -0.84 -0.51
CA SER A 62 7.22 0.28 -0.02
C SER A 62 7.16 1.46 -0.93
N LYS A 63 7.50 2.61 -0.39
CA LYS A 63 7.57 3.87 -1.14
C LYS A 63 8.93 4.48 -0.92
N PHE A 64 9.41 5.26 -1.89
CA PHE A 64 10.71 5.90 -1.82
C PHE A 64 10.74 7.10 -2.71
N ASP A 65 11.64 8.03 -2.40
CA ASP A 65 11.80 9.24 -3.20
C ASP A 65 13.25 9.74 -3.27
N THR A 66 14.22 8.88 -3.04
CA THR A 66 15.62 9.14 -3.30
C THR A 66 16.27 7.93 -3.97
N VAL A 67 17.37 8.15 -4.63
CA VAL A 67 18.19 7.12 -5.27
C VAL A 67 18.66 6.09 -4.29
N GLU A 68 19.18 6.56 -3.11
CA GLU A 68 19.73 5.63 -2.14
C GLU A 68 18.64 4.74 -1.52
N ASP A 69 17.47 5.25 -1.32
CA ASP A 69 16.36 4.47 -0.78
C ASP A 69 15.85 3.45 -1.85
N PHE A 70 15.87 3.85 -3.12
CA PHE A 70 15.62 2.89 -4.26
C PHE A 70 16.56 1.72 -4.12
N TRP A 71 17.87 2.00 -4.09
CA TRP A 71 18.86 0.94 -4.04
C TRP A 71 18.77 0.04 -2.79
N ALA A 72 18.41 0.60 -1.62
CA ALA A 72 18.27 -0.18 -0.37
C ALA A 72 17.08 -1.14 -0.51
N LEU A 73 16.00 -0.68 -1.14
CA LEU A 73 14.84 -1.53 -1.37
C LEU A 73 15.16 -2.59 -2.41
N TYR A 74 15.78 -2.19 -3.54
CA TYR A 74 16.15 -3.11 -4.63
C TYR A 74 17.04 -4.23 -4.12
N ASN A 75 18.08 -3.86 -3.37
CA ASN A 75 19.02 -4.83 -2.80
C ASN A 75 18.35 -5.83 -1.82
N HIS A 76 17.39 -5.38 -1.06
CA HIS A 76 16.66 -6.20 -0.10
C HIS A 76 15.76 -7.21 -0.75
N ILE A 77 15.08 -6.83 -1.80
CA ILE A 77 13.96 -7.62 -2.35
C ILE A 77 14.41 -8.80 -3.18
N GLN A 78 13.47 -9.78 -3.32
CA GLN A 78 13.64 -10.92 -4.16
C GLN A 78 13.65 -10.54 -5.66
N LEU A 79 14.54 -11.11 -6.45
CA LEU A 79 14.63 -10.85 -7.88
C LEU A 79 13.45 -11.47 -8.64
N SER A 80 13.10 -10.80 -9.77
CA SER A 80 11.97 -11.20 -10.60
CA SER A 80 11.96 -11.21 -10.55
C SER A 80 12.12 -12.62 -11.10
N SER A 81 13.33 -12.97 -11.62
CA SER A 81 13.70 -14.34 -12.04
C SER A 81 13.32 -15.40 -11.00
N ASN A 82 13.45 -15.05 -9.66
CA ASN A 82 13.11 -15.94 -8.55
C ASN A 82 11.63 -15.91 -8.08
N LEU A 83 10.76 -15.06 -8.70
CA LEU A 83 9.33 -15.08 -8.35
C LEU A 83 8.62 -16.30 -8.91
N MET A 84 7.75 -16.95 -8.11
CA MET A 84 6.92 -18.04 -8.63
C MET A 84 6.01 -17.51 -9.74
N PRO A 85 5.85 -18.25 -10.85
CA PRO A 85 4.86 -17.82 -11.87
C PRO A 85 3.50 -17.38 -11.30
N GLY A 86 2.94 -16.41 -11.98
CA GLY A 86 1.71 -15.79 -11.56
C GLY A 86 1.93 -14.57 -10.70
N CYS A 87 3.22 -14.27 -10.27
CA CYS A 87 3.50 -13.01 -9.52
C CYS A 87 3.82 -11.81 -10.47
N ASP A 88 3.52 -10.61 -10.00
CA ASP A 88 3.76 -9.36 -10.71
C ASP A 88 4.46 -8.44 -9.74
N TYR A 89 5.46 -7.67 -10.23
CA TYR A 89 5.94 -6.52 -9.49
C TYR A 89 5.62 -5.30 -10.31
N SER A 90 5.24 -4.20 -9.64
CA SER A 90 4.93 -2.95 -10.34
C SER A 90 5.56 -1.77 -9.63
N LEU A 91 6.15 -0.80 -10.35
CA LEU A 91 6.62 0.43 -9.75
C LEU A 91 5.83 1.57 -10.36
N PHE A 92 5.03 2.30 -9.56
CA PHE A 92 4.18 3.34 -10.04
C PHE A 92 4.38 4.62 -9.25
N LYS A 93 4.14 5.74 -9.89
CA LYS A 93 4.20 7.03 -9.22
C LYS A 93 3.20 7.02 -8.06
N ASP A 94 3.59 7.63 -6.97
CA ASP A 94 2.73 7.69 -5.76
C ASP A 94 1.36 8.24 -6.15
N GLY A 95 0.30 7.52 -5.77
CA GLY A 95 -1.06 7.93 -6.04
C GLY A 95 -1.70 7.29 -7.25
N ILE A 96 -0.96 6.41 -7.99
CA ILE A 96 -1.50 5.65 -9.10
C ILE A 96 -1.46 4.16 -8.72
N GLU A 97 -2.61 3.52 -8.70
CA GLU A 97 -2.69 2.09 -8.59
C GLU A 97 -2.24 1.37 -9.87
N PRO A 98 -1.54 0.22 -9.74
CA PRO A 98 -1.11 -0.49 -10.93
C PRO A 98 -2.21 -1.33 -11.59
N MET A 99 -3.34 -0.71 -11.90
CA MET A 99 -4.47 -1.35 -12.53
C MET A 99 -5.01 -0.40 -13.56
N TRP A 100 -5.47 -0.90 -14.67
CA TRP A 100 -5.74 -0.04 -15.82
C TRP A 100 -6.93 0.87 -15.58
N GLU A 101 -7.82 0.54 -14.67
CA GLU A 101 -9.02 1.30 -14.46
C GLU A 101 -8.76 2.50 -13.53
N ASP A 102 -7.52 2.66 -12.91
CA ASP A 102 -7.12 3.92 -12.25
C ASP A 102 -7.31 5.10 -13.21
N GLU A 103 -7.75 6.27 -12.69
CA GLU A 103 -7.97 7.47 -13.50
C GLU A 103 -6.74 7.83 -14.37
N LYS A 104 -5.54 7.64 -13.83
CA LYS A 104 -4.29 7.94 -14.54
C LYS A 104 -3.87 6.86 -15.56
N ASN A 105 -4.50 5.69 -15.57
CA ASN A 105 -4.21 4.63 -16.54
C ASN A 105 -5.34 4.37 -17.54
N LYS A 106 -6.58 4.64 -17.18
CA LYS A 106 -7.72 4.22 -18.03
C LYS A 106 -7.71 4.78 -19.45
N ARG A 107 -7.14 5.97 -19.68
CA ARG A 107 -7.04 6.49 -21.05
C ARG A 107 -5.70 6.26 -21.69
N GLY A 108 -4.86 5.42 -21.08
CA GLY A 108 -3.51 5.19 -21.50
C GLY A 108 -3.28 3.81 -22.05
N GLY A 109 -2.02 3.37 -21.92
CA GLY A 109 -1.59 2.14 -22.56
C GLY A 109 -0.20 1.78 -22.09
N ARG A 110 0.40 0.82 -22.74
CA ARG A 110 1.73 0.36 -22.36
C ARG A 110 2.59 -0.03 -23.53
N TRP A 111 3.91 0.16 -23.39
CA TRP A 111 4.96 -0.40 -24.26
C TRP A 111 5.37 -1.70 -23.69
N LEU A 112 5.20 -2.82 -24.45
CA LEU A 112 5.35 -4.18 -23.94
C LEU A 112 6.48 -4.91 -24.64
N ILE A 113 7.33 -5.59 -23.86
CA ILE A 113 8.26 -6.60 -24.41
C ILE A 113 7.94 -7.94 -23.75
N THR A 114 8.00 -9.00 -24.54
CA THR A 114 7.75 -10.34 -24.02
C THR A 114 9.05 -11.10 -24.18
N LEU A 115 9.42 -11.78 -23.15
CA LEU A 115 10.61 -12.63 -23.08
C LEU A 115 10.21 -14.15 -23.11
N ASN A 116 10.93 -14.98 -23.87
CA ASN A 116 10.66 -16.43 -23.87
C ASN A 116 11.21 -17.09 -22.54
N LYS A 117 10.80 -18.33 -22.31
CA LYS A 117 11.06 -19.09 -21.08
C LYS A 117 12.58 -19.11 -20.71
N GLN A 118 13.48 -19.24 -21.70
CA GLN A 118 14.95 -19.27 -21.52
C GLN A 118 15.55 -17.88 -21.18
N GLN A 119 14.92 -16.79 -21.69
CA GLN A 119 15.32 -15.42 -21.33
C GLN A 119 15.06 -15.07 -19.92
N ARG A 120 14.32 -15.92 -19.14
CA ARG A 120 14.16 -15.66 -17.72
C ARG A 120 15.51 -15.60 -17.00
N ARG A 121 16.39 -16.60 -17.29
CA ARG A 121 17.64 -16.65 -16.57
C ARG A 121 18.57 -15.60 -17.13
N SER A 122 18.59 -15.32 -18.44
CA SER A 122 19.58 -14.39 -19.00
C SER A 122 19.22 -12.88 -18.99
N ASP A 123 17.96 -12.50 -19.30
CA ASP A 123 17.58 -11.11 -19.60
C ASP A 123 16.56 -10.50 -18.65
N LEU A 124 15.78 -11.29 -17.93
CA LEU A 124 14.66 -10.72 -17.15
C LEU A 124 15.17 -9.72 -16.09
N ASN A 125 16.16 -10.08 -15.24
CA ASN A 125 16.62 -9.18 -14.18
C ASN A 125 17.22 -7.89 -14.71
N ARG A 126 17.97 -8.02 -15.79
CA ARG A 126 18.64 -6.87 -16.38
C ARG A 126 17.59 -5.96 -17.01
N PHE A 127 16.67 -6.51 -17.78
CA PHE A 127 15.60 -5.63 -18.36
C PHE A 127 14.74 -4.98 -17.34
N TRP A 128 14.43 -5.67 -16.26
CA TRP A 128 13.64 -5.06 -15.21
C TRP A 128 14.39 -3.90 -14.55
N LEU A 129 15.65 -4.09 -14.18
CA LEU A 129 16.45 -3.00 -13.64
C LEU A 129 16.56 -1.81 -14.60
N GLU A 130 16.83 -2.03 -15.87
CA GLU A 130 16.98 -0.94 -16.85
C GLU A 130 15.66 -0.14 -16.92
N THR A 131 14.55 -0.85 -16.89
CA THR A 131 13.22 -0.19 -16.88
C THR A 131 13.07 0.69 -15.64
N LEU A 132 13.41 0.16 -14.44
CA LEU A 132 13.29 0.90 -13.18
C LEU A 132 14.16 2.16 -13.22
N LEU A 133 15.36 2.06 -13.77
CA LEU A 133 16.26 3.23 -13.91
C LEU A 133 15.72 4.29 -14.89
N CYS A 134 15.06 3.89 -15.94
CA CYS A 134 14.32 4.84 -16.83
C CYS A 134 13.29 5.63 -16.12
N LEU A 135 12.51 4.94 -15.27
CA LEU A 135 11.43 5.55 -14.50
C LEU A 135 12.02 6.55 -13.49
N ILE A 136 12.83 6.07 -12.57
CA ILE A 136 13.25 6.92 -11.44
C ILE A 136 14.17 8.06 -11.92
N GLY A 137 14.93 7.83 -12.97
CA GLY A 137 15.85 8.80 -13.56
C GLY A 137 15.22 9.85 -14.48
N GLU A 138 13.90 9.76 -14.74
CA GLU A 138 13.15 10.67 -15.61
C GLU A 138 13.81 10.79 -16.99
N SER A 139 14.00 9.63 -17.66
CA SER A 139 14.80 9.47 -18.88
C SER A 139 14.12 9.90 -20.16
N PHE A 140 12.87 10.28 -20.11
CA PHE A 140 12.09 10.64 -21.28
C PHE A 140 11.89 12.16 -21.40
N ASP A 141 12.72 12.96 -20.73
CA ASP A 141 12.68 14.43 -20.78
C ASP A 141 11.25 14.94 -20.32
N ASP A 142 10.61 15.93 -20.97
CA ASP A 142 9.28 16.39 -20.52
C ASP A 142 8.22 15.27 -20.62
N TYR A 143 8.43 14.30 -21.51
CA TYR A 143 7.49 13.19 -21.68
C TYR A 143 7.52 12.18 -20.50
N SER A 144 8.47 12.31 -19.58
CA SER A 144 8.47 11.54 -18.36
C SER A 144 7.23 11.77 -17.54
N ASP A 145 6.60 12.96 -17.65
CA ASP A 145 5.36 13.19 -16.96
C ASP A 145 4.24 12.30 -17.46
N ASP A 146 4.32 11.76 -18.68
CA ASP A 146 3.27 10.81 -19.19
C ASP A 146 3.45 9.40 -18.66
N VAL A 147 4.55 9.10 -17.97
CA VAL A 147 4.81 7.77 -17.49
C VAL A 147 4.04 7.62 -16.20
N CYS A 148 3.29 6.52 -16.06
CA CYS A 148 2.62 6.11 -14.83
C CYS A 148 3.50 5.14 -14.01
N GLY A 149 4.09 4.17 -14.67
CA GLY A 149 4.85 3.15 -13.97
C GLY A 149 5.24 2.04 -14.91
N ALA A 150 5.74 0.97 -14.34
CA ALA A 150 6.19 -0.21 -15.09
C ALA A 150 5.77 -1.46 -14.34
N VAL A 151 5.58 -2.52 -15.09
CA VAL A 151 5.10 -3.79 -14.56
C VAL A 151 5.92 -4.92 -15.13
N VAL A 152 6.33 -5.84 -14.30
CA VAL A 152 6.88 -7.14 -14.74
C VAL A 152 5.94 -8.27 -14.32
N ASN A 153 5.49 -9.07 -15.30
CA ASN A 153 4.63 -10.23 -15.06
C ASN A 153 5.50 -11.48 -15.25
N VAL A 154 5.71 -12.20 -14.20
CA VAL A 154 6.51 -13.43 -14.25
C VAL A 154 5.53 -14.58 -14.51
N ARG A 155 5.69 -15.29 -15.63
CA ARG A 155 4.73 -16.33 -16.03
C ARG A 155 5.44 -17.53 -16.61
N ALA A 156 4.86 -18.71 -16.41
CA ALA A 156 5.41 -19.95 -16.96
C ALA A 156 5.65 -19.86 -18.50
N LYS A 157 4.66 -19.37 -19.27
CA LYS A 157 4.75 -19.27 -20.73
C LYS A 157 5.72 -18.20 -21.26
N GLY A 158 6.16 -17.27 -20.41
CA GLY A 158 7.04 -16.19 -20.86
C GLY A 158 6.76 -14.90 -20.11
N ASP A 159 7.80 -14.17 -19.76
CA ASP A 159 7.67 -13.02 -18.86
C ASP A 159 7.39 -11.78 -19.71
N LYS A 160 6.76 -10.76 -19.13
CA LYS A 160 6.40 -9.56 -19.86
C LYS A 160 6.89 -8.37 -19.01
N ILE A 161 7.49 -7.36 -19.63
CA ILE A 161 7.88 -6.11 -18.95
C ILE A 161 7.21 -5.02 -19.75
N ALA A 162 6.61 -4.06 -19.07
CA ALA A 162 5.87 -2.99 -19.76
C ALA A 162 6.05 -1.63 -19.04
N ILE A 163 6.17 -0.55 -19.79
CA ILE A 163 6.03 0.80 -19.27
C ILE A 163 4.63 1.28 -19.60
N TRP A 164 3.92 1.71 -18.57
CA TRP A 164 2.55 2.22 -18.68
C TRP A 164 2.59 3.77 -18.75
N THR A 165 1.81 4.29 -19.67
CA THR A 165 1.70 5.72 -19.87
C THR A 165 0.23 6.14 -19.76
N THR A 166 0.03 7.42 -19.52
CA THR A 166 -1.22 7.94 -19.04
C THR A 166 -2.26 8.26 -20.16
N GLU A 167 -1.82 8.53 -21.39
CA GLU A 167 -2.71 9.09 -22.41
C GLU A 167 -2.39 8.63 -23.78
N CYS A 168 -3.24 7.79 -24.32
CA CYS A 168 -3.20 7.36 -25.73
C CYS A 168 -3.01 8.41 -26.77
N GLU A 169 -3.73 9.52 -26.62
CA GLU A 169 -3.79 10.55 -27.67
C GLU A 169 -2.59 11.47 -27.66
N ASN A 170 -1.64 11.27 -26.71
CA ASN A 170 -0.43 12.09 -26.72
C ASN A 170 0.60 11.34 -27.57
N ARG A 171 0.43 11.37 -28.85
CA ARG A 171 1.17 10.48 -29.77
C ARG A 171 2.67 10.72 -29.69
N GLU A 172 3.08 11.99 -29.60
CA GLU A 172 4.48 12.32 -29.58
C GLU A 172 5.10 11.84 -28.29
N ALA A 173 4.41 11.99 -27.16
CA ALA A 173 4.95 11.48 -25.88
C ALA A 173 5.12 9.96 -25.94
N VAL A 174 4.10 9.24 -26.44
CA VAL A 174 4.08 7.77 -26.42
C VAL A 174 5.22 7.29 -27.33
N THR A 175 5.34 7.87 -28.54
CA THR A 175 6.37 7.39 -29.48
C THR A 175 7.78 7.70 -28.96
N HIS A 176 8.02 8.86 -28.35
CA HIS A 176 9.32 9.18 -27.79
C HIS A 176 9.71 8.23 -26.66
N ILE A 177 8.75 7.96 -25.76
CA ILE A 177 9.02 7.00 -24.66
C ILE A 177 9.38 5.62 -25.25
N GLY A 178 8.67 5.15 -26.28
CA GLY A 178 8.93 3.84 -26.89
C GLY A 178 10.32 3.79 -27.45
N ARG A 179 10.71 4.84 -28.19
CA ARG A 179 12.04 4.86 -28.82
C ARG A 179 13.19 4.93 -27.82
N VAL A 180 13.04 5.76 -26.80
CA VAL A 180 14.02 5.83 -25.74
C VAL A 180 14.09 4.53 -24.93
N TYR A 181 12.92 3.93 -24.58
CA TYR A 181 12.90 2.69 -23.80
C TYR A 181 13.66 1.60 -24.59
N LYS A 182 13.38 1.50 -25.92
CA LYS A 182 14.02 0.43 -26.73
C LYS A 182 15.54 0.62 -26.75
N GLU A 183 16.02 1.86 -26.89
CA GLU A 183 17.44 2.17 -26.83
C GLU A 183 18.04 1.77 -25.48
N ARG A 184 17.36 2.10 -24.39
CA ARG A 184 17.90 1.81 -23.05
C ARG A 184 17.91 0.32 -22.74
N LEU A 185 17.01 -0.45 -23.35
CA LEU A 185 17.06 -1.93 -23.22
C LEU A 185 18.19 -2.55 -24.03
N GLY A 186 18.65 -1.88 -25.08
CA GLY A 186 19.72 -2.39 -25.93
C GLY A 186 19.20 -3.34 -27.00
N LEU A 187 17.90 -3.27 -27.35
CA LEU A 187 17.34 -4.24 -28.30
C LEU A 187 17.88 -3.92 -29.70
N PRO A 188 18.22 -4.93 -30.51
CA PRO A 188 18.53 -4.65 -31.92
C PRO A 188 17.35 -4.02 -32.67
N PRO A 189 17.58 -3.22 -33.71
CA PRO A 189 16.47 -2.67 -34.51
C PRO A 189 15.40 -3.66 -34.93
N LYS A 190 15.79 -4.94 -35.10
CA LYS A 190 14.90 -5.97 -35.66
C LYS A 190 13.88 -6.43 -34.61
N ILE A 191 14.25 -6.42 -33.32
CA ILE A 191 13.31 -6.83 -32.27
C ILE A 191 12.52 -5.60 -31.87
N VAL A 192 11.21 -5.70 -31.92
CA VAL A 192 10.33 -4.57 -31.70
C VAL A 192 9.55 -4.67 -30.37
N ILE A 193 9.23 -3.51 -29.82
CA ILE A 193 8.30 -3.37 -28.73
C ILE A 193 6.98 -2.83 -29.35
N GLY A 194 5.83 -3.22 -28.81
CA GLY A 194 4.56 -2.70 -29.27
C GLY A 194 3.82 -1.91 -28.20
N TYR A 195 3.08 -0.88 -28.60
CA TYR A 195 2.21 -0.13 -27.71
C TYR A 195 0.75 -0.53 -27.91
N GLN A 196 0.07 -0.82 -26.83
CA GLN A 196 -1.34 -1.17 -26.88
C GLN A 196 -2.06 -0.34 -25.88
N SER A 197 -3.18 0.23 -26.29
CA SER A 197 -4.08 0.91 -25.35
C SER A 197 -4.61 -0.10 -24.28
N HIS A 198 -4.77 0.29 -23.05
CA HIS A 198 -5.35 -0.62 -22.03
C HIS A 198 -6.80 -1.04 -22.39
N ALA A 199 -7.58 -0.11 -22.98
CA ALA A 199 -8.97 -0.40 -23.40
C ALA A 199 -8.94 -1.52 -24.42
N ASP A 200 -8.01 -1.53 -25.37
CA ASP A 200 -7.87 -2.63 -26.33
C ASP A 200 -7.36 -3.95 -25.70
N THR A 201 -6.32 -3.91 -24.82
CA THR A 201 -5.90 -5.11 -24.11
C THR A 201 -7.03 -5.77 -23.30
N ALA A 202 -7.91 -4.96 -22.68
CA ALA A 202 -8.97 -5.46 -21.80
C ALA A 202 -10.04 -6.31 -22.55
N THR A 203 -10.11 -6.21 -23.89
CA THR A 203 -11.10 -6.92 -24.68
C THR A 203 -10.37 -8.02 -25.42
N LYS A 204 -10.76 -9.29 -25.14
CA LYS A 204 -10.15 -10.44 -25.81
C LYS A 204 -10.94 -10.70 -27.09
N SER A 205 -10.25 -10.58 -28.23
CA SER A 205 -10.89 -10.57 -29.54
C SER A 205 -10.27 -11.57 -30.54
N GLY A 206 -9.45 -12.51 -30.07
CA GLY A 206 -8.81 -13.50 -30.93
C GLY A 206 -7.39 -13.76 -30.52
N LYS A 210 -2.88 -6.25 -30.96
CA LYS A 210 -3.63 -5.01 -31.18
C LYS A 210 -2.72 -3.76 -30.95
N ASN A 211 -1.58 -3.69 -31.70
CA ASN A 211 -0.57 -2.65 -31.51
C ASN A 211 -0.94 -1.43 -32.29
N ARG A 212 -1.15 -0.30 -31.62
CA ARG A 212 -1.33 0.96 -32.36
C ARG A 212 0.04 1.37 -32.94
N PHE A 213 1.12 1.21 -32.14
CA PHE A 213 2.45 1.60 -32.52
C PHE A 213 3.43 0.50 -32.24
N VAL A 214 4.45 0.42 -33.09
CA VAL A 214 5.57 -0.47 -32.89
C VAL A 214 6.85 0.38 -33.04
N VAL A 215 7.92 0.05 -32.32
CA VAL A 215 9.25 0.64 -32.56
C VAL A 215 10.34 -0.43 -32.39
N HIS B 7 13.60 14.35 2.62
CA HIS B 7 13.29 13.25 1.71
C HIS B 7 13.60 11.91 2.37
N GLY B 8 12.63 11.00 2.37
CA GLY B 8 12.56 9.86 3.28
C GLY B 8 11.67 10.11 4.50
N ALA B 9 10.96 11.25 4.55
CA ALA B 9 10.22 11.76 5.72
C ALA B 9 8.85 11.07 5.83
N ARG B 10 8.36 10.85 7.07
CA ARG B 10 7.03 10.28 7.30
C ARG B 10 5.92 11.23 6.83
N ILE B 11 4.92 10.69 6.10
CA ILE B 11 3.76 11.47 5.70
C ILE B 11 2.76 11.49 6.88
N ILE B 12 2.58 12.67 7.49
CA ILE B 12 1.76 12.87 8.67
C ILE B 12 0.74 13.92 8.35
N TYR B 13 -0.53 13.62 8.61
CA TYR B 13 -1.63 14.57 8.48
C TYR B 13 -2.33 14.75 9.79
N ASP B 14 -2.56 16.00 10.18
CA ASP B 14 -3.39 16.25 11.35
C ASP B 14 -4.88 16.18 10.99
N ARG B 15 -5.69 16.20 12.02
CA ARG B 15 -7.12 16.07 11.90
C ARG B 15 -7.72 17.17 10.99
N ALA B 16 -7.30 18.42 11.18
CA ALA B 16 -7.82 19.55 10.41
C ALA B 16 -7.54 19.37 8.91
N PHE B 17 -6.33 18.97 8.54
CA PHE B 17 -5.99 18.70 7.16
C PHE B 17 -6.86 17.59 6.56
N LEU B 18 -6.99 16.43 7.25
CA LEU B 18 -7.82 15.32 6.72
C LEU B 18 -9.26 15.76 6.50
N MET B 19 -9.80 16.52 7.43
CA MET B 19 -11.16 16.98 7.37
C MET B 19 -11.34 18.00 6.24
N ALA B 20 -10.29 18.74 5.83
CA ALA B 20 -10.35 19.73 4.71
C ALA B 20 -10.37 19.04 3.34
N CYS B 21 -9.77 17.85 3.25
CA CYS B 21 -9.87 17.00 2.07
C CYS B 21 -11.22 16.33 1.91
N ARG B 22 -12.12 16.43 2.92
CA ARG B 22 -13.38 15.76 2.89
C ARG B 22 -14.38 16.59 2.08
N LYS B 34 -4.29 13.82 -5.61
CA LYS B 34 -4.69 13.19 -4.35
C LYS B 34 -3.56 13.23 -3.36
N HIS B 35 -3.90 13.15 -2.09
CA HIS B 35 -2.91 13.28 -1.03
C HIS B 35 -2.51 11.89 -0.58
N PRO B 36 -1.27 11.46 -0.84
CA PRO B 36 -0.89 10.08 -0.51
C PRO B 36 -0.80 9.84 0.98
N LEU B 37 -1.15 8.61 1.39
CA LEU B 37 -0.92 8.15 2.77
C LEU B 37 0.42 7.49 2.89
N GLN B 38 1.00 7.49 4.12
CA GLN B 38 2.23 6.79 4.45
C GLN B 38 2.10 5.32 4.16
N ASN B 39 0.94 4.74 4.52
CA ASN B 39 0.66 3.33 4.38
C ASN B 39 -0.55 3.11 3.51
N ARG B 40 -0.64 1.94 2.88
CA ARG B 40 -1.86 1.45 2.28
C ARG B 40 -2.60 0.68 3.38
N TRP B 41 -3.92 0.83 3.39
CA TRP B 41 -4.80 0.32 4.43
C TRP B 41 -5.88 -0.54 3.78
N ALA B 42 -6.35 -1.56 4.50
CA ALA B 42 -7.39 -2.46 4.04
C ALA B 42 -8.50 -2.45 5.04
N LEU B 43 -9.74 -2.26 4.57
CA LEU B 43 -10.95 -2.35 5.40
C LEU B 43 -11.54 -3.71 5.27
N TRP B 44 -11.75 -4.35 6.39
CA TRP B 44 -12.31 -5.69 6.53
C TRP B 44 -13.62 -5.66 7.28
N PHE B 45 -14.43 -6.69 7.01
CA PHE B 45 -15.76 -6.84 7.63
C PHE B 45 -15.87 -8.32 8.06
N PHE B 46 -16.33 -8.60 9.27
CA PHE B 46 -16.52 -9.98 9.76
C PHE B 46 -17.84 -10.06 10.49
N LYS B 47 -18.62 -11.14 10.21
CA LYS B 47 -19.72 -11.55 11.09
C LYS B 47 -19.48 -13.03 11.44
N ASN B 48 -19.40 -13.40 12.72
CA ASN B 48 -19.26 -14.81 13.16
C ASN B 48 -20.55 -15.63 12.93
N ASP B 49 -20.76 -16.04 11.67
CA ASP B 49 -21.90 -16.85 11.20
C ASP B 49 -21.41 -18.29 11.07
N LYS B 50 -21.83 -19.16 12.00
CA LYS B 50 -21.24 -20.49 12.14
C LYS B 50 -21.64 -21.47 11.03
N SER B 51 -22.71 -21.17 10.27
CA SER B 51 -23.02 -21.99 9.09
C SER B 51 -21.90 -21.91 8.03
N LYS B 52 -21.18 -20.78 7.95
CA LYS B 52 -20.02 -20.64 7.08
C LYS B 52 -18.72 -20.79 7.87
N THR B 53 -17.60 -21.09 7.20
CA THR B 53 -16.26 -21.12 7.82
C THR B 53 -15.67 -19.69 8.05
N TRP B 54 -14.66 -19.55 8.96
CA TRP B 54 -14.10 -18.22 9.26
C TRP B 54 -13.51 -17.52 8.05
N GLN B 55 -12.97 -18.27 7.07
CA GLN B 55 -12.39 -17.64 5.87
C GLN B 55 -13.49 -17.05 4.99
N ALA B 56 -14.67 -17.72 4.95
CA ALA B 56 -15.79 -17.18 4.19
C ALA B 56 -16.44 -15.98 4.85
N ASN B 57 -16.46 -15.93 6.20
CA ASN B 57 -17.09 -14.86 6.97
C ASN B 57 -16.31 -13.54 7.02
N LEU B 58 -15.00 -13.61 6.87
CA LEU B 58 -14.12 -12.47 6.89
C LEU B 58 -13.99 -11.99 5.50
N ARG B 59 -14.35 -10.75 5.23
CA ARG B 59 -14.39 -10.21 3.89
C ARG B 59 -13.50 -8.97 3.82
N LEU B 60 -12.63 -8.89 2.82
CA LEU B 60 -11.94 -7.66 2.50
C LEU B 60 -12.89 -6.78 1.69
N ILE B 61 -13.21 -5.59 2.19
CA ILE B 61 -14.08 -4.66 1.49
C ILE B 61 -13.30 -3.88 0.45
N SER B 62 -12.16 -3.28 0.86
CA SER B 62 -11.47 -2.34 -0.01
C SER B 62 -10.11 -1.96 0.55
N LYS B 63 -9.27 -1.44 -0.30
CA LYS B 63 -7.94 -0.95 0.05
C LYS B 63 -7.79 0.45 -0.49
N PHE B 64 -6.98 1.26 0.18
CA PHE B 64 -6.75 2.63 -0.22
C PHE B 64 -5.44 3.12 0.31
N ASP B 65 -4.90 4.12 -0.34
CA ASP B 65 -3.64 4.73 0.06
C ASP B 65 -3.56 6.22 -0.20
N THR B 66 -4.70 6.91 -0.29
CA THR B 66 -4.79 8.35 -0.30
C THR B 66 -5.93 8.80 0.59
N VAL B 67 -5.87 10.04 1.03
CA VAL B 67 -6.90 10.68 1.83
C VAL B 67 -8.22 10.70 1.13
N GLU B 68 -8.23 11.08 -0.18
CA GLU B 68 -9.48 11.19 -0.91
C GLU B 68 -10.16 9.84 -1.11
N ASP B 69 -9.39 8.79 -1.32
CA ASP B 69 -9.94 7.44 -1.46
C ASP B 69 -10.47 6.93 -0.11
N PHE B 70 -9.80 7.29 0.99
CA PHE B 70 -10.34 7.04 2.37
C PHE B 70 -11.74 7.63 2.48
N TRP B 71 -11.86 8.93 2.20
CA TRP B 71 -13.13 9.61 2.34
C TRP B 71 -14.24 9.06 1.41
N ALA B 72 -13.91 8.65 0.19
CA ALA B 72 -14.88 8.08 -0.75
C ALA B 72 -15.40 6.75 -0.22
N LEU B 73 -14.51 5.94 0.38
CA LEU B 73 -14.92 4.69 0.99
C LEU B 73 -15.74 4.92 2.25
N TYR B 74 -15.29 5.82 3.13
CA TYR B 74 -15.98 6.17 4.36
C TYR B 74 -17.40 6.66 4.08
N ASN B 75 -17.53 7.58 3.15
CA ASN B 75 -18.85 8.12 2.77
C ASN B 75 -19.81 7.03 2.22
N HIS B 76 -19.29 6.11 1.44
CA HIS B 76 -20.05 5.02 0.85
C HIS B 76 -20.52 3.99 1.87
N ILE B 77 -19.66 3.62 2.82
CA ILE B 77 -20.04 2.65 3.85
C ILE B 77 -21.03 3.27 4.79
N GLN B 78 -20.85 4.55 5.13
CA GLN B 78 -21.75 5.29 6.00
C GLN B 78 -23.18 5.34 5.39
N LEU B 79 -23.30 5.41 4.04
CA LEU B 79 -24.56 5.23 3.28
C LEU B 79 -24.85 3.73 2.95
N SER B 80 -24.86 2.88 3.98
CA SER B 80 -25.20 1.46 3.79
C SER B 80 -25.63 0.83 5.12
N SER B 81 -26.31 1.61 5.99
CA SER B 81 -26.72 1.16 7.32
C SER B 81 -25.52 0.60 8.12
N ASN B 82 -24.34 1.24 7.93
CA ASN B 82 -23.03 0.99 8.56
C ASN B 82 -23.03 0.64 10.04
N LEU B 83 -21.99 -0.07 10.50
CA LEU B 83 -21.84 -0.44 11.91
C LEU B 83 -23.04 -1.27 12.36
N MET B 84 -23.21 -2.44 11.71
CA MET B 84 -24.34 -3.37 11.90
C MET B 84 -24.23 -4.17 13.21
N PRO B 85 -25.34 -4.74 13.74
CA PRO B 85 -25.45 -4.93 15.19
C PRO B 85 -24.80 -6.16 15.83
N GLY B 86 -24.14 -7.00 15.05
CA GLY B 86 -23.26 -8.05 15.58
C GLY B 86 -22.04 -8.25 14.69
N CYS B 87 -21.54 -7.16 14.13
CA CYS B 87 -20.50 -7.21 13.13
C CYS B 87 -19.23 -6.53 13.64
N ASP B 88 -18.14 -6.82 12.96
CA ASP B 88 -16.89 -6.16 13.27
C ASP B 88 -16.37 -5.55 12.00
N TYR B 89 -15.79 -4.36 12.13
CA TYR B 89 -15.10 -3.71 11.06
C TYR B 89 -13.69 -3.49 11.52
N SER B 90 -12.75 -3.73 10.62
CA SER B 90 -11.34 -3.59 10.96
C SER B 90 -10.60 -2.81 9.89
N LEU B 91 -9.72 -1.85 10.24
CA LEU B 91 -8.84 -1.20 9.27
C LEU B 91 -7.40 -1.58 9.64
N PHE B 92 -6.70 -2.30 8.76
CA PHE B 92 -5.35 -2.76 9.03
C PHE B 92 -4.43 -2.38 7.91
N LYS B 93 -3.16 -2.21 8.26
CA LYS B 93 -2.14 -1.95 7.24
C LYS B 93 -2.13 -3.10 6.24
N ASP B 94 -1.92 -2.78 4.98
CA ASP B 94 -1.89 -3.78 3.91
C ASP B 94 -0.87 -4.88 4.26
N GLY B 95 -1.29 -6.13 4.18
CA GLY B 95 -0.45 -7.27 4.49
C GLY B 95 -0.57 -7.80 5.91
N ILE B 96 -1.43 -7.20 6.76
CA ILE B 96 -1.74 -7.69 8.09
C ILE B 96 -3.21 -8.11 8.10
N GLU B 97 -3.45 -9.39 8.34
CA GLU B 97 -4.81 -9.86 8.60
C GLU B 97 -5.32 -9.40 9.96
N PRO B 98 -6.64 -9.05 10.10
CA PRO B 98 -7.16 -8.60 11.39
C PRO B 98 -7.45 -9.76 12.31
N MET B 99 -6.47 -10.67 12.46
CA MET B 99 -6.60 -11.79 13.39
C MET B 99 -5.29 -11.83 14.21
N TRP B 100 -5.43 -12.16 15.49
CA TRP B 100 -4.32 -12.00 16.41
C TRP B 100 -3.19 -12.96 16.06
N GLU B 101 -3.48 -14.09 15.34
CA GLU B 101 -2.50 -15.13 14.95
C GLU B 101 -1.62 -14.69 13.76
N ASP B 102 -1.91 -13.54 13.10
CA ASP B 102 -1.02 -12.94 12.11
C ASP B 102 0.35 -12.67 12.77
N GLU B 103 1.45 -12.87 12.01
CA GLU B 103 2.82 -12.62 12.49
C GLU B 103 3.00 -11.22 13.10
N LYS B 104 2.34 -10.20 12.52
CA LYS B 104 2.42 -8.84 13.00
C LYS B 104 1.53 -8.54 14.23
N ASN B 105 0.60 -9.43 14.59
CA ASN B 105 -0.26 -9.24 15.77
C ASN B 105 0.05 -10.23 16.92
N LYS B 106 0.58 -11.41 16.62
CA LYS B 106 0.70 -12.45 17.67
C LYS B 106 1.52 -12.04 18.91
N ARG B 107 2.54 -11.19 18.77
CA ARG B 107 3.33 -10.70 19.92
C ARG B 107 2.76 -9.35 20.50
N GLY B 108 1.59 -8.91 20.04
CA GLY B 108 1.04 -7.61 20.33
C GLY B 108 -0.20 -7.63 21.18
N GLY B 109 -0.96 -6.57 21.05
CA GLY B 109 -2.05 -6.29 21.95
C GLY B 109 -2.88 -5.12 21.45
N ARG B 110 -3.79 -4.65 22.27
CA ARG B 110 -4.67 -3.57 21.87
C ARG B 110 -5.00 -2.64 22.99
N TRP B 111 -5.09 -1.35 22.68
CA TRP B 111 -5.81 -0.36 23.48
C TRP B 111 -7.31 -0.47 23.25
N LEU B 112 -8.10 -0.69 24.32
CA LEU B 112 -9.52 -0.95 24.19
C LEU B 112 -10.35 0.14 24.90
N ILE B 113 -11.30 0.69 24.13
CA ILE B 113 -12.34 1.66 24.52
C ILE B 113 -13.66 0.83 24.53
N THR B 114 -14.29 0.70 25.66
CA THR B 114 -15.60 0.06 25.76
C THR B 114 -16.65 1.16 25.89
N LEU B 115 -17.71 1.11 25.06
CA LEU B 115 -18.78 2.08 25.12
C LEU B 115 -20.04 1.41 25.67
N ASN B 116 -20.64 2.07 26.70
CA ASN B 116 -21.90 1.63 27.26
C ASN B 116 -23.05 1.89 26.25
N LYS B 117 -24.21 1.29 26.51
CA LYS B 117 -25.39 1.36 25.64
C LYS B 117 -25.72 2.78 25.15
N GLN B 118 -25.79 3.76 26.07
CA GLN B 118 -26.15 5.14 25.73
C GLN B 118 -25.19 5.76 24.72
N GLN B 119 -23.94 5.32 24.79
CA GLN B 119 -22.89 5.86 23.94
C GLN B 119 -22.93 5.41 22.51
N ARG B 120 -23.71 4.37 22.17
CA ARG B 120 -23.92 3.98 20.78
C ARG B 120 -24.54 5.12 19.97
N ARG B 121 -25.47 5.85 20.60
CA ARG B 121 -26.14 6.98 19.95
C ARG B 121 -25.19 8.18 19.85
N SER B 122 -24.50 8.53 20.91
CA SER B 122 -23.71 9.76 21.00
C SER B 122 -22.23 9.71 20.52
N ASP B 123 -21.48 8.61 20.81
CA ASP B 123 -20.01 8.55 20.65
C ASP B 123 -19.52 7.53 19.66
N LEU B 124 -20.27 6.48 19.30
CA LEU B 124 -19.67 5.39 18.51
C LEU B 124 -19.18 5.92 17.17
N ASN B 125 -20.05 6.71 16.49
CA ASN B 125 -19.68 7.18 15.15
C ASN B 125 -18.43 8.11 15.24
N ARG B 126 -18.43 9.09 16.18
CA ARG B 126 -17.34 10.07 16.26
C ARG B 126 -16.03 9.37 16.68
N PHE B 127 -16.09 8.51 17.69
CA PHE B 127 -14.93 7.77 18.16
C PHE B 127 -14.35 6.84 17.11
N TRP B 128 -15.16 6.14 16.29
CA TRP B 128 -14.61 5.28 15.22
C TRP B 128 -13.87 6.15 14.20
N LEU B 129 -14.48 7.26 13.76
CA LEU B 129 -13.82 8.17 12.84
C LEU B 129 -12.51 8.74 13.41
N GLU B 130 -12.50 9.18 14.66
CA GLU B 130 -11.29 9.75 15.25
C GLU B 130 -10.17 8.68 15.28
N THR B 131 -10.53 7.43 15.58
CA THR B 131 -9.56 6.33 15.52
C THR B 131 -8.99 6.16 14.13
N LEU B 132 -9.85 6.13 13.08
CA LEU B 132 -9.42 5.97 11.70
C LEU B 132 -8.47 7.10 11.30
N LEU B 133 -8.78 8.34 11.70
CA LEU B 133 -7.90 9.50 11.39
C LEU B 133 -6.53 9.42 12.10
N CYS B 134 -6.48 8.88 13.30
CA CYS B 134 -5.18 8.56 13.97
C CYS B 134 -4.33 7.62 13.19
N LEU B 135 -4.95 6.57 12.65
CA LEU B 135 -4.26 5.55 11.88
C LEU B 135 -3.74 6.17 10.57
N ILE B 136 -4.63 6.67 9.72
CA ILE B 136 -4.24 7.05 8.37
C ILE B 136 -3.31 8.29 8.38
N GLY B 137 -3.48 9.16 9.35
CA GLY B 137 -2.67 10.37 9.53
C GLY B 137 -1.31 10.17 10.18
N GLU B 138 -0.97 8.94 10.63
CA GLU B 138 0.28 8.60 11.30
C GLU B 138 0.54 9.50 12.52
N SER B 139 -0.45 9.55 13.43
CA SER B 139 -0.53 10.50 14.55
C SER B 139 0.35 10.18 15.75
N PHE B 140 1.04 9.07 15.74
CA PHE B 140 1.84 8.62 16.86
C PHE B 140 3.35 8.79 16.59
N ASP B 141 3.73 9.63 15.62
CA ASP B 141 5.12 9.93 15.28
C ASP B 141 5.86 8.61 14.87
N ASP B 142 7.09 8.33 15.34
CA ASP B 142 7.78 7.08 14.94
C ASP B 142 7.04 5.84 15.47
N TYR B 143 6.28 5.97 16.57
CA TYR B 143 5.54 4.85 17.14
C TYR B 143 4.33 4.43 16.28
N SER B 144 3.98 5.20 15.24
CA SER B 144 2.97 4.81 14.27
C SER B 144 3.34 3.53 13.56
N ASP B 145 4.65 3.23 13.43
CA ASP B 145 5.06 1.96 12.87
C ASP B 145 4.65 0.77 13.73
N ASP B 146 4.40 0.97 15.04
CA ASP B 146 3.96 -0.14 15.90
C ASP B 146 2.46 -0.43 15.74
N VAL B 147 1.67 0.44 15.09
CA VAL B 147 0.26 0.26 14.92
C VAL B 147 0.05 -0.72 13.79
N CYS B 148 -0.80 -1.70 14.03
CA CYS B 148 -1.25 -2.67 13.03
C CYS B 148 -2.59 -2.25 12.40
N GLY B 149 -3.51 -1.81 13.24
CA GLY B 149 -4.85 -1.45 12.76
C GLY B 149 -5.76 -1.16 13.91
N ALA B 150 -7.04 -1.05 13.61
CA ALA B 150 -8.09 -0.78 14.57
C ALA B 150 -9.28 -1.61 14.24
N VAL B 151 -10.07 -1.90 15.27
CA VAL B 151 -11.26 -2.77 15.16
C VAL B 151 -12.40 -2.15 15.93
N VAL B 152 -13.58 -2.12 15.32
CA VAL B 152 -14.82 -1.81 16.07
C VAL B 152 -15.71 -3.06 16.09
N ASN B 153 -16.13 -3.47 17.27
CA ASN B 153 -17.06 -4.57 17.48
C ASN B 153 -18.41 -3.97 17.89
N VAL B 154 -19.38 -4.11 17.04
CA VAL B 154 -20.71 -3.57 17.33
C VAL B 154 -21.51 -4.69 18.01
N ARG B 155 -21.96 -4.48 19.25
CA ARG B 155 -22.64 -5.53 20.01
C ARG B 155 -23.82 -4.96 20.80
N ALA B 156 -24.85 -5.77 20.99
CA ALA B 156 -26.01 -5.36 21.78
C ALA B 156 -25.62 -4.87 23.21
N LYS B 157 -24.76 -5.61 23.91
CA LYS B 157 -24.34 -5.28 25.28
C LYS B 157 -23.40 -4.06 25.41
N GLY B 158 -22.83 -3.58 24.31
CA GLY B 158 -21.92 -2.44 24.36
C GLY B 158 -20.83 -2.58 23.33
N ASP B 159 -20.48 -1.48 22.68
CA ASP B 159 -19.57 -1.54 21.51
C ASP B 159 -18.15 -1.41 22.02
N LYS B 160 -17.17 -1.90 21.25
CA LYS B 160 -15.77 -1.85 21.65
C LYS B 160 -15.00 -1.27 20.45
N ILE B 161 -14.06 -0.38 20.69
CA ILE B 161 -13.15 0.15 19.65
C ILE B 161 -11.77 -0.11 20.21
N ALA B 162 -10.85 -0.59 19.36
CA ALA B 162 -9.51 -0.92 19.80
C ALA B 162 -8.46 -0.54 18.75
N ILE B 163 -7.29 -0.04 19.18
CA ILE B 163 -6.12 0.07 18.31
C ILE B 163 -5.21 -1.09 18.63
N TRP B 164 -4.86 -1.86 17.63
CA TRP B 164 -3.97 -3.01 17.75
C TRP B 164 -2.55 -2.60 17.41
N THR B 165 -1.62 -3.07 18.24
CA THR B 165 -0.21 -2.80 18.05
C THR B 165 0.56 -4.12 18.03
N THR B 166 1.78 -4.03 17.49
CA THR B 166 2.54 -5.19 17.07
C THR B 166 3.34 -5.90 18.19
N GLU B 167 3.71 -5.16 19.25
CA GLU B 167 4.65 -5.72 20.27
C GLU B 167 4.24 -5.24 21.66
N CYS B 168 3.63 -6.16 22.44
CA CYS B 168 3.12 -5.83 23.74
C CYS B 168 4.24 -5.50 24.75
N GLU B 169 5.56 -5.80 24.48
CA GLU B 169 6.66 -5.44 25.37
C GLU B 169 7.32 -4.10 25.07
N ASN B 170 6.88 -3.39 24.01
CA ASN B 170 7.42 -2.07 23.70
C ASN B 170 6.61 -1.06 24.47
N ARG B 171 6.89 -1.01 25.79
CA ARG B 171 6.20 -0.12 26.73
C ARG B 171 6.17 1.34 26.26
N GLU B 172 7.30 1.91 25.84
CA GLU B 172 7.36 3.33 25.46
C GLU B 172 6.47 3.63 24.19
N ALA B 173 6.45 2.73 23.20
CA ALA B 173 5.56 2.88 22.03
C ALA B 173 4.08 2.74 22.45
N VAL B 174 3.78 1.72 23.25
CA VAL B 174 2.42 1.39 23.58
C VAL B 174 1.79 2.50 24.39
N THR B 175 2.51 3.01 25.41
CA THR B 175 2.00 4.08 26.28
C THR B 175 1.89 5.44 25.55
N HIS B 176 2.80 5.75 24.62
CA HIS B 176 2.68 6.98 23.82
C HIS B 176 1.45 6.92 22.93
N ILE B 177 1.24 5.79 22.21
CA ILE B 177 0.04 5.53 21.40
C ILE B 177 -1.20 5.69 22.25
N GLY B 178 -1.22 5.05 23.42
CA GLY B 178 -2.38 5.10 24.31
C GLY B 178 -2.70 6.53 24.71
N ARG B 179 -1.65 7.30 25.10
CA ARG B 179 -1.90 8.68 25.56
C ARG B 179 -2.31 9.61 24.42
N VAL B 180 -1.74 9.50 23.22
CA VAL B 180 -2.19 10.30 22.06
C VAL B 180 -3.59 9.90 21.65
N TYR B 181 -3.86 8.58 21.64
CA TYR B 181 -5.20 8.10 21.35
C TYR B 181 -6.25 8.67 22.31
N LYS B 182 -6.03 8.51 23.62
CA LYS B 182 -6.91 9.11 24.64
C LYS B 182 -7.12 10.62 24.42
N GLU B 183 -6.04 11.37 24.16
CA GLU B 183 -6.16 12.81 23.85
C GLU B 183 -7.04 13.06 22.62
N ARG B 184 -6.83 12.29 21.54
CA ARG B 184 -7.58 12.50 20.30
C ARG B 184 -9.03 12.11 20.44
N LEU B 185 -9.35 11.16 21.34
CA LEU B 185 -10.76 10.83 21.62
C LEU B 185 -11.45 11.90 22.47
N GLY B 186 -10.69 12.68 23.23
CA GLY B 186 -11.22 13.72 24.10
C GLY B 186 -11.66 13.18 25.44
N LEU B 187 -11.16 12.01 25.88
CA LEU B 187 -11.63 11.42 27.13
C LEU B 187 -11.05 12.21 28.31
N PRO B 188 -11.85 12.46 29.36
CA PRO B 188 -11.28 13.09 30.56
C PRO B 188 -10.17 12.26 31.20
N PRO B 189 -9.21 12.91 31.89
CA PRO B 189 -8.20 12.15 32.66
C PRO B 189 -8.73 11.11 33.67
N LYS B 190 -9.91 11.35 34.27
CA LYS B 190 -10.56 10.37 35.16
C LYS B 190 -10.92 9.03 34.48
N ILE B 191 -11.21 9.06 33.17
CA ILE B 191 -11.54 7.85 32.42
C ILE B 191 -10.26 7.17 32.04
N VAL B 192 -10.02 5.92 32.51
CA VAL B 192 -8.79 5.20 32.21
C VAL B 192 -9.05 4.07 31.22
N ILE B 193 -8.07 3.81 30.35
CA ILE B 193 -8.21 2.84 29.27
C ILE B 193 -7.10 1.83 29.42
N GLY B 194 -7.43 0.59 29.10
CA GLY B 194 -6.54 -0.54 29.23
C GLY B 194 -5.96 -1.06 27.93
N TYR B 195 -4.71 -1.55 28.00
CA TYR B 195 -4.05 -2.26 26.91
C TYR B 195 -3.98 -3.73 27.31
N GLN B 196 -4.50 -4.61 26.47
CA GLN B 196 -4.49 -6.03 26.75
C GLN B 196 -3.67 -6.75 25.72
N SER B 197 -2.75 -7.62 26.18
CA SER B 197 -2.04 -8.55 25.33
C SER B 197 -3.03 -9.45 24.59
N HIS B 198 -2.86 -9.71 23.31
CA HIS B 198 -3.73 -10.70 22.60
C HIS B 198 -3.63 -12.12 23.18
N ALA B 199 -2.45 -12.52 23.62
CA ALA B 199 -2.26 -13.83 24.25
C ALA B 199 -3.13 -13.94 25.51
N ASP B 200 -3.23 -12.85 26.30
CA ASP B 200 -4.16 -12.82 27.44
C ASP B 200 -5.65 -12.77 27.03
N THR B 201 -6.03 -11.93 26.04
CA THR B 201 -7.40 -11.93 25.55
C THR B 201 -7.85 -13.30 25.00
N ALA B 202 -6.96 -14.06 24.37
CA ALA B 202 -7.28 -15.35 23.77
C ALA B 202 -7.68 -16.44 24.78
N THR B 203 -7.40 -16.23 26.07
CA THR B 203 -7.73 -17.18 27.13
C THR B 203 -8.89 -16.60 27.89
N LYS B 204 -10.04 -17.29 27.90
CA LYS B 204 -11.22 -16.81 28.59
C LYS B 204 -11.16 -17.25 30.04
N SER B 205 -11.09 -16.28 30.95
CA SER B 205 -10.80 -16.49 32.38
C SER B 205 -11.78 -15.79 33.33
N GLY B 206 -12.93 -15.35 32.83
CA GLY B 206 -13.96 -14.72 33.66
C GLY B 206 -14.64 -13.59 32.92
N SER B 207 -15.15 -12.57 33.64
CA SER B 207 -15.79 -11.42 32.93
C SER B 207 -14.76 -10.61 32.16
N THR B 208 -13.54 -10.44 32.72
CA THR B 208 -12.56 -9.48 32.19
C THR B 208 -11.22 -10.15 31.75
N THR B 209 -10.39 -9.39 31.01
CA THR B 209 -8.98 -9.72 30.72
C THR B 209 -8.11 -8.70 31.46
N LYS B 210 -6.96 -9.14 32.01
CA LYS B 210 -6.06 -8.20 32.67
C LYS B 210 -5.43 -7.20 31.69
N ASN B 211 -5.16 -6.02 32.22
CA ASN B 211 -4.47 -4.96 31.53
C ASN B 211 -2.98 -5.04 31.80
N ARG B 212 -2.21 -5.14 30.73
CA ARG B 212 -0.76 -5.05 30.75
C ARG B 212 -0.40 -3.62 31.16
N PHE B 213 -1.06 -2.62 30.54
CA PHE B 213 -0.86 -1.20 30.85
C PHE B 213 -2.20 -0.46 30.92
N VAL B 214 -2.18 0.67 31.62
CA VAL B 214 -3.29 1.59 31.70
C VAL B 214 -2.75 2.99 31.47
N VAL B 215 -3.53 3.85 30.86
CA VAL B 215 -3.24 5.29 30.78
C VAL B 215 -4.55 6.04 30.89
S DMS C . -3.49 -4.29 -18.59
O DMS C . -4.93 -4.27 -19.02
C1 DMS C . -3.05 -6.01 -18.39
C2 DMS C . -2.54 -3.96 -20.06
C1 PGE D . 2.10 15.64 -10.57
O1 PGE D . 3.21 16.41 -10.16
C2 PGE D . 1.47 14.90 -9.41
O2 PGE D . 0.58 13.90 -9.88
C3 PGE D . 1.25 12.71 -10.28
C4 PGE D . 0.30 11.70 -10.86
O4 PGE D . 1.79 10.49 -14.81
C6 PGE D . 0.63 11.20 -14.43
C5 PGE D . 0.82 11.98 -13.18
O3 PGE D . 0.87 11.13 -12.04
C1 PGE E . 3.85 -3.49 11.57
O1 PGE E . 3.27 -2.98 12.75
C2 PGE E . 3.59 -2.60 10.41
O2 PGE E . 4.11 -3.17 9.23
C3 PGE E . 3.09 -3.53 8.30
C4 PGE E . 3.65 -4.28 7.13
O4 PGE E . 4.34 -8.67 5.50
C6 PGE E . 3.45 -7.83 6.25
C5 PGE E . 4.08 -6.52 6.63
O3 PGE E . 3.10 -5.58 7.04
C2 W5B F . 13.58 -6.90 -7.57
C3 W5B F . 12.42 -7.57 -7.87
C5 W5B F . 11.21 -5.54 -7.77
C6 W5B F . 12.35 -4.85 -7.41
C7 W5B F . 13.54 -5.54 -7.30
C8 W5B F . 12.29 -3.38 -7.14
C10 W5B F . 12.89 -1.50 -5.79
C11 W5B F . 12.21 -0.67 -6.63
C12 W5B F . 11.55 -1.19 -7.73
C13 W5B F . 11.59 -2.53 -7.98
O1 W5B F . 14.72 -7.60 -7.43
C4 W5B F . 11.24 -6.87 -8.00
C9 W5B F . 12.93 -2.84 -6.04
H15 W5B F . 12.44 -8.50 -8.07
H17 W5B F . 10.38 -5.07 -7.86
H18 W5B F . 14.35 -5.09 -7.05
H20 W5B F . 13.34 -1.14 -5.03
H21 W5B F . 12.17 0.27 -6.46
H22 W5B F . 11.07 -0.60 -8.32
H23 W5B F . 11.14 -2.87 -8.75
H14 W5B F . 14.53 -8.30 -7.02
H16 W5B F . 10.45 -7.32 -8.27
H19 W5B F . 13.40 -3.42 -5.45
S DMS G . -20.08 -3.52 4.09
O DMS G . -20.21 -2.83 2.75
C1 DMS G . -21.66 -3.35 4.87
C2 DMS G . -20.17 -5.26 3.75
C2 W5B H . -18.19 3.21 8.52
C3 W5B H . -18.44 2.02 9.17
C5 W5B H . -16.25 1.26 8.61
C6 W5B H . -15.96 2.46 7.99
C7 W5B H . -16.96 3.44 7.93
C8 W5B H . -14.66 2.70 7.31
C10 W5B H . -12.27 2.62 7.30
C11 W5B H . -12.25 3.17 6.04
C12 W5B H . -13.43 3.48 5.40
C13 W5B H . -14.63 3.24 6.03
O1 W5B H . -19.16 4.18 8.47
C4 W5B H . -17.48 1.03 9.20
C9 W5B H . -13.46 2.38 7.93
H15 W5B H . -19.29 1.87 9.58
H17 W5B H . -15.58 0.58 8.66
H18 W5B H . -16.79 4.26 7.49
H20 W5B H . -11.45 2.42 7.75
H21 W5B H . -11.42 3.34 5.60
H22 W5B H . -13.42 3.85 4.52
H23 W5B H . -15.44 3.45 5.60
H14 W5B H . -18.87 4.87 7.98
H16 W5B H . -17.65 0.20 9.66
H19 W5B H . -13.47 2.02 8.81
#